data_1P15
#
_entry.id   1P15
#
_cell.length_a   59.101
_cell.length_b   59.101
_cell.length_c   152.657
_cell.angle_alpha   90.00
_cell.angle_beta   90.00
_cell.angle_gamma   120.00
#
_symmetry.space_group_name_H-M   'P 31'
#
loop_
_entity.id
_entity.type
_entity.pdbx_description
1 polymer 'Protein-tyrosine phosphatase alpha'
2 water water
#
_entity_poly.entity_id   1
_entity_poly.type   'polypeptide(L)'
_entity_poly.pdbx_seq_one_letter_code
;MRTGNLPANMKKNRVLQIIPYEFNRVIIPVKRGEENTDYVNASFIDGYRQKDSYIASQGPLLHTIEDFWRMIWEWKSCSI
VMLTELEERGQEKCAQYWPSDGLVSYGDITVELKKEEECESYTVRDLLVTNTRENKSRQIRQFHFHGWPEVGIPSDGKGM
INIIAAVQKQQQQSGNHPITVHCSAGAGRTGTFCALSTVLERVKAEGILDVFQTVKSLRLQRPHMVQTLEQYEFCYKVVQ
EYIDAFSDYANFK
;
_entity_poly.pdbx_strand_id   A,B
#
# COMPACT_ATOMS: atom_id res chain seq x y z
N MET A 1 15.46 -5.67 33.61
CA MET A 1 14.13 -4.98 33.58
C MET A 1 14.12 -3.77 32.63
N ARG A 2 15.14 -2.91 32.75
CA ARG A 2 15.27 -1.68 31.95
C ARG A 2 15.97 -1.85 30.61
N THR A 3 15.29 -1.42 29.55
CA THR A 3 15.82 -1.50 28.19
C THR A 3 17.07 -0.64 28.00
N GLY A 4 17.23 0.36 28.85
CA GLY A 4 18.39 1.24 28.76
C GLY A 4 19.64 0.59 29.27
N ASN A 5 19.47 -0.48 30.05
CA ASN A 5 20.58 -1.23 30.60
C ASN A 5 20.92 -2.38 29.68
N LEU A 6 20.60 -2.23 28.40
CA LEU A 6 20.92 -3.28 27.46
C LEU A 6 22.31 -3.02 26.90
N PRO A 7 23.10 -4.09 26.66
CA PRO A 7 24.45 -3.95 26.13
C PRO A 7 24.52 -3.10 24.87
N ALA A 8 23.45 -3.13 24.07
CA ALA A 8 23.36 -2.35 22.85
C ALA A 8 23.00 -0.87 23.10
N ASN A 9 22.38 -0.59 24.25
CA ASN A 9 22.00 0.76 24.63
C ASN A 9 22.94 1.42 25.65
N MET A 10 23.96 0.68 26.10
CA MET A 10 24.90 1.20 27.08
C MET A 10 25.44 2.59 26.73
N LYS A 11 26.13 2.65 25.59
CA LYS A 11 26.75 3.86 25.08
C LYS A 11 25.76 5.02 24.94
N LYS A 12 24.49 4.67 24.72
CA LYS A 12 23.45 5.68 24.52
C LYS A 12 23.00 6.44 25.76
N ASN A 13 23.72 6.30 26.86
CA ASN A 13 23.38 7.02 28.08
C ASN A 13 24.55 7.90 28.48
N ARG A 14 24.26 9.04 29.10
CA ARG A 14 25.31 9.94 29.54
C ARG A 14 25.62 9.61 31.00
N VAL A 15 24.60 9.32 31.78
CA VAL A 15 24.78 8.97 33.19
C VAL A 15 24.22 7.60 33.48
N LEU A 16 24.99 6.81 34.23
CA LEU A 16 24.58 5.46 34.55
C LEU A 16 23.39 5.27 35.49
N GLN A 17 23.24 6.13 36.49
CA GLN A 17 22.13 6.00 37.43
C GLN A 17 20.84 6.49 36.82
N ILE A 18 20.96 7.44 35.90
CA ILE A 18 19.80 8.03 35.25
C ILE A 18 19.50 7.37 33.92
N ILE A 19 18.58 6.42 33.98
CA ILE A 19 18.10 5.66 32.84
C ILE A 19 16.58 5.66 32.97
N PRO A 20 15.84 5.68 31.86
CA PRO A 20 14.38 5.68 32.02
C PRO A 20 13.76 4.33 32.36
N TYR A 21 12.79 4.36 33.28
CA TYR A 21 12.07 3.15 33.67
C TYR A 21 11.38 2.71 32.38
N GLU A 22 11.04 1.43 32.27
CA GLU A 22 10.41 0.94 31.05
C GLU A 22 8.92 1.25 30.89
N PHE A 23 8.29 1.79 31.93
CA PHE A 23 6.87 2.09 31.84
C PHE A 23 6.60 3.44 31.16
N ASN A 24 7.55 4.35 31.21
CA ASN A 24 7.36 5.66 30.60
C ASN A 24 8.55 6.12 29.75
N ARG A 25 9.33 5.17 29.27
CA ARG A 25 10.48 5.51 28.42
C ARG A 25 9.95 5.92 27.05
N VAL A 26 10.48 6.99 26.49
CA VAL A 26 10.05 7.49 25.19
C VAL A 26 10.61 6.61 24.06
N ILE A 27 9.71 5.93 23.34
CA ILE A 27 10.07 5.02 22.24
C ILE A 27 9.99 5.65 20.84
N ILE A 28 10.90 5.21 19.96
CA ILE A 28 11.00 5.67 18.56
C ILE A 28 10.88 4.47 17.62
N PRO A 29 10.44 4.69 16.37
CA PRO A 29 10.36 3.53 15.47
C PRO A 29 11.77 3.00 15.17
N VAL A 30 11.93 1.69 15.12
CA VAL A 30 13.24 1.12 14.84
C VAL A 30 13.69 1.43 13.40
N LYS A 31 15.00 1.67 13.22
CA LYS A 31 15.56 2.01 11.91
C LYS A 31 16.00 0.94 10.90
N ARG A 32 16.47 1.39 9.73
CA ARG A 32 16.94 0.57 8.62
C ARG A 32 16.49 -0.93 8.62
N GLY A 33 17.05 -1.72 9.55
CA GLY A 33 16.69 -3.12 9.72
C GLY A 33 15.73 -3.14 10.93
N GLU A 34 15.91 -4.02 11.94
CA GLU A 34 15.01 -4.18 13.11
C GLU A 34 16.05 -4.06 14.28
N GLU A 35 15.64 -4.25 15.53
CA GLU A 35 16.60 -4.31 16.63
C GLU A 35 17.33 -3.06 17.18
N ASN A 36 17.02 -2.75 18.44
CA ASN A 36 17.72 -1.67 19.16
C ASN A 36 17.73 -0.16 18.77
N THR A 37 16.96 0.17 17.75
CA THR A 37 16.88 1.54 17.28
C THR A 37 15.59 2.22 17.69
N ASP A 38 15.06 1.88 18.87
CA ASP A 38 13.84 2.52 19.38
C ASP A 38 14.13 3.10 20.76
N TYR A 39 15.41 3.10 21.14
CA TYR A 39 15.83 3.59 22.44
C TYR A 39 16.49 4.96 22.45
N VAL A 40 16.08 5.75 23.45
CA VAL A 40 16.56 7.10 23.72
C VAL A 40 16.34 7.36 25.21
N ASN A 41 17.40 7.77 25.89
CA ASN A 41 17.33 8.05 27.32
C ASN A 41 16.41 9.22 27.54
N ALA A 42 15.12 8.94 27.67
CA ALA A 42 14.11 9.96 27.89
C ALA A 42 12.85 9.29 28.42
N SER A 43 12.01 10.07 29.10
CA SER A 43 10.78 9.55 29.67
C SER A 43 9.67 10.59 29.80
N PHE A 44 8.44 10.18 29.48
CA PHE A 44 7.31 11.10 29.56
C PHE A 44 7.01 11.45 31.00
N ILE A 45 6.67 12.71 31.24
CA ILE A 45 6.38 13.20 32.58
C ILE A 45 5.04 13.91 32.60
N ASP A 46 4.22 13.59 33.60
CA ASP A 46 2.92 14.23 33.72
C ASP A 46 3.12 15.63 34.30
N GLY A 47 2.13 16.49 34.09
CA GLY A 47 2.18 17.85 34.58
C GLY A 47 0.92 18.14 35.37
N TYR A 48 0.49 19.40 35.39
CA TYR A 48 -0.72 19.76 36.12
C TYR A 48 -1.96 19.43 35.33
N ARG A 49 -2.61 18.34 35.70
CA ARG A 49 -3.82 17.89 35.02
C ARG A 49 -3.59 17.57 33.54
N GLN A 50 -2.35 17.24 33.19
CA GLN A 50 -1.96 16.88 31.82
C GLN A 50 -1.05 15.65 31.85
N LYS A 51 -1.55 14.56 31.30
CA LYS A 51 -0.79 13.32 31.25
C LYS A 51 0.31 13.51 30.18
N ASP A 52 1.55 13.19 30.52
CA ASP A 52 2.67 13.31 29.59
C ASP A 52 2.98 14.72 29.09
N SER A 53 2.84 15.74 29.94
CA SER A 53 3.13 17.09 29.46
C SER A 53 4.58 17.36 29.02
N TYR A 54 5.54 16.64 29.60
CA TYR A 54 6.95 16.83 29.24
C TYR A 54 7.68 15.55 28.82
N ILE A 55 8.88 15.76 28.29
CA ILE A 55 9.77 14.67 27.91
C ILE A 55 11.07 15.02 28.61
N ALA A 56 11.27 14.39 29.76
CA ALA A 56 12.47 14.58 30.55
C ALA A 56 13.55 13.81 29.80
N SER A 57 14.52 14.54 29.26
CA SER A 57 15.57 13.91 28.47
C SER A 57 16.96 14.38 28.89
N GLN A 58 17.96 13.64 28.41
CA GLN A 58 19.36 13.94 28.64
C GLN A 58 19.81 14.71 27.41
N GLY A 59 20.86 15.51 27.53
CA GLY A 59 21.35 16.23 26.37
C GLY A 59 21.97 15.21 25.42
N PRO A 60 21.72 15.29 24.10
CA PRO A 60 22.28 14.37 23.09
C PRO A 60 23.81 14.19 22.99
N LEU A 61 24.25 13.43 21.98
CA LEU A 61 25.67 13.11 21.73
C LEU A 61 26.22 13.12 20.26
N LEU A 62 25.33 13.01 19.26
CA LEU A 62 25.62 12.94 17.79
C LEU A 62 26.03 11.59 17.32
N HIS A 63 26.03 10.67 18.26
CA HIS A 63 26.30 9.30 17.96
C HIS A 63 24.98 8.87 18.59
N THR A 64 24.15 9.90 18.76
CA THR A 64 22.81 9.81 19.31
C THR A 64 21.93 11.07 19.11
N ILE A 65 22.42 12.18 18.54
CA ILE A 65 21.49 13.32 18.41
C ILE A 65 20.35 13.04 17.44
N GLU A 66 20.56 12.14 16.48
CA GLU A 66 19.51 11.84 15.52
C GLU A 66 18.34 11.13 16.18
N ASP A 67 18.62 10.42 17.27
CA ASP A 67 17.60 9.73 18.00
C ASP A 67 16.88 10.77 18.84
N PHE A 68 17.57 11.89 19.06
CA PHE A 68 17.06 13.02 19.82
C PHE A 68 16.04 13.78 18.98
N TRP A 69 16.33 13.95 17.70
CA TRP A 69 15.42 14.65 16.81
C TRP A 69 14.26 13.74 16.40
N ARG A 70 14.58 12.48 16.13
CA ARG A 70 13.56 11.50 15.76
C ARG A 70 12.53 11.42 16.90
N MET A 71 13.04 11.47 18.13
CA MET A 71 12.21 11.44 19.32
C MET A 71 11.27 12.64 19.24
N ILE A 72 11.88 13.81 19.12
CA ILE A 72 11.18 15.07 19.00
C ILE A 72 10.14 15.06 17.88
N TRP A 73 10.51 14.56 16.71
CA TRP A 73 9.57 14.53 15.60
C TRP A 73 8.42 13.58 15.81
N GLU A 74 8.75 12.34 16.19
CA GLU A 74 7.74 11.30 16.40
C GLU A 74 6.68 11.64 17.43
N TRP A 75 7.05 12.43 18.41
CA TRP A 75 6.12 12.77 19.45
C TRP A 75 5.57 14.18 19.38
N LYS A 76 5.67 14.77 18.18
CA LYS A 76 5.16 16.11 17.85
C LYS A 76 5.49 17.26 18.81
N SER A 77 6.74 17.33 19.24
CA SER A 77 7.17 18.37 20.16
C SER A 77 7.58 19.64 19.43
N CYS A 78 7.06 20.77 19.87
CA CYS A 78 7.36 22.06 19.24
C CYS A 78 8.14 22.96 20.18
N SER A 79 8.44 22.44 21.37
CA SER A 79 9.17 23.21 22.36
C SER A 79 10.32 22.41 22.92
N ILE A 80 11.50 23.03 22.89
CA ILE A 80 12.71 22.42 23.41
C ILE A 80 13.31 23.37 24.40
N VAL A 81 13.39 22.92 25.65
CA VAL A 81 13.97 23.71 26.72
C VAL A 81 15.35 23.12 27.07
N MET A 82 16.41 23.89 26.84
CA MET A 82 17.75 23.42 27.19
C MET A 82 18.24 24.22 28.39
N LEU A 83 18.46 23.49 29.48
CA LEU A 83 18.88 24.05 30.77
C LEU A 83 20.39 23.91 31.03
N THR A 84 21.19 24.02 29.97
CA THR A 84 22.64 23.89 30.12
C THR A 84 23.36 24.58 28.97
N GLU A 85 24.68 24.59 29.05
CA GLU A 85 25.52 25.16 28.00
C GLU A 85 26.23 23.92 27.46
N LEU A 86 26.55 23.91 26.18
CA LEU A 86 27.21 22.75 25.57
C LEU A 86 28.43 22.35 26.37
N GLU A 87 29.00 23.29 27.14
CA GLU A 87 30.20 22.98 27.88
C GLU A 87 30.53 23.51 29.26
N GLU A 88 30.78 22.52 30.10
CA GLU A 88 31.25 22.55 31.47
C GLU A 88 31.63 21.13 31.16
N ARG A 89 32.90 20.80 31.27
CA ARG A 89 33.28 19.51 30.79
C ARG A 89 33.49 18.17 31.48
N GLY A 90 34.06 17.34 30.63
CA GLY A 90 34.33 15.94 30.82
C GLY A 90 33.83 15.92 29.39
N GLN A 91 32.57 16.22 29.15
CA GLN A 91 32.24 16.20 27.75
C GLN A 91 31.00 16.86 27.27
N GLU A 92 31.10 17.42 26.06
CA GLU A 92 30.02 17.98 25.25
C GLU A 92 28.64 18.09 25.90
N LYS A 93 28.59 18.31 27.23
CA LYS A 93 27.36 18.51 28.03
C LYS A 93 26.10 18.34 27.29
N CYS A 94 26.18 18.49 25.98
CA CYS A 94 25.08 18.37 25.16
C CYS A 94 25.34 18.53 23.67
N ALA A 95 24.32 19.17 23.13
CA ALA A 95 24.06 19.57 21.76
C ALA A 95 24.88 20.20 20.66
N GLN A 96 24.14 21.06 19.96
CA GLN A 96 24.57 21.82 18.78
C GLN A 96 23.94 20.73 17.93
N TYR A 97 22.70 20.41 18.32
CA TYR A 97 21.83 19.46 17.69
C TYR A 97 21.01 20.37 16.80
N TRP A 98 21.33 21.65 16.95
CA TRP A 98 20.78 22.77 16.20
C TRP A 98 21.98 23.35 15.46
N PRO A 99 21.73 24.11 14.39
CA PRO A 99 22.72 24.76 13.51
C PRO A 99 23.41 26.05 13.98
N SER A 100 24.71 26.14 13.64
CA SER A 100 25.51 27.32 13.90
C SER A 100 25.45 28.09 12.58
N ASP A 101 24.34 27.88 11.88
CA ASP A 101 24.03 28.49 10.58
C ASP A 101 24.67 27.80 9.37
N GLY A 102 24.00 26.75 8.89
CA GLY A 102 24.49 26.03 7.72
C GLY A 102 23.40 25.25 7.03
N LEU A 103 22.64 24.51 7.84
CA LEU A 103 21.53 23.63 7.43
C LEU A 103 22.04 22.22 7.68
N VAL A 104 22.06 21.86 8.95
CA VAL A 104 22.53 20.55 9.38
C VAL A 104 21.43 19.51 9.15
N SER A 105 21.83 18.37 8.59
CA SER A 105 20.92 17.27 8.31
C SER A 105 21.36 16.06 9.14
N TYR A 106 20.39 15.41 9.77
CA TYR A 106 20.66 14.23 10.60
C TYR A 106 19.82 13.06 10.09
N GLY A 107 20.29 12.42 9.01
CA GLY A 107 19.53 11.32 8.45
C GLY A 107 18.29 11.83 7.74
N ASP A 108 17.11 11.49 8.26
CA ASP A 108 15.87 11.94 7.64
C ASP A 108 15.33 13.30 8.13
N ILE A 109 15.97 13.90 9.13
CA ILE A 109 15.52 15.19 9.66
C ILE A 109 16.49 16.36 9.40
N THR A 110 15.93 17.48 8.96
CA THR A 110 16.71 18.69 8.65
C THR A 110 16.27 19.91 9.46
N VAL A 111 17.20 20.50 10.20
CA VAL A 111 16.93 21.67 11.04
C VAL A 111 17.51 22.92 10.36
N GLU A 112 16.97 24.11 10.62
CA GLU A 112 17.49 25.30 9.96
C GLU A 112 17.26 26.66 10.63
N LEU A 113 17.89 27.68 10.02
CA LEU A 113 17.90 29.09 10.42
C LEU A 113 16.63 29.76 10.96
N LYS A 114 16.80 31.05 11.29
CA LYS A 114 15.75 31.95 11.78
C LYS A 114 15.77 32.27 13.28
N LYS A 115 16.23 31.29 14.03
CA LYS A 115 16.27 31.31 15.49
C LYS A 115 17.09 32.27 16.38
N GLU A 116 17.26 33.55 16.10
CA GLU A 116 18.04 34.18 17.13
C GLU A 116 17.73 35.53 17.73
N GLU A 117 17.00 35.50 18.83
CA GLU A 117 16.66 36.71 19.56
C GLU A 117 17.07 36.43 20.99
N GLU A 118 17.87 37.30 21.59
CA GLU A 118 18.33 37.06 22.94
C GLU A 118 17.58 37.80 24.02
N CYS A 119 16.84 37.04 24.82
CA CYS A 119 16.10 37.62 25.91
C CYS A 119 17.08 37.84 27.05
N GLU A 120 16.53 38.07 28.23
CA GLU A 120 17.28 38.30 29.45
C GLU A 120 18.25 37.17 29.79
N SER A 121 17.67 36.11 30.35
CA SER A 121 18.41 34.92 30.79
C SER A 121 18.33 33.71 29.87
N TYR A 122 17.92 33.92 28.62
CA TYR A 122 17.82 32.83 27.65
C TYR A 122 17.75 33.36 26.23
N THR A 123 18.20 32.53 25.29
CA THR A 123 18.16 32.90 23.88
C THR A 123 17.08 32.03 23.24
N VAL A 124 16.22 32.64 22.45
CA VAL A 124 15.14 31.91 21.78
C VAL A 124 15.60 31.49 20.39
N ARG A 125 15.40 30.23 20.03
CA ARG A 125 15.81 29.79 18.72
C ARG A 125 14.71 29.12 17.90
N ASP A 126 14.29 29.80 16.82
CA ASP A 126 13.28 29.31 15.88
C ASP A 126 13.91 28.45 14.79
N LEU A 127 13.61 27.16 14.81
CA LEU A 127 14.17 26.23 13.83
C LEU A 127 13.10 25.73 12.87
N LEU A 128 13.54 25.26 11.70
CA LEU A 128 12.62 24.72 10.73
C LEU A 128 13.00 23.26 10.48
N VAL A 129 12.29 22.37 11.17
CA VAL A 129 12.53 20.93 11.07
C VAL A 129 11.73 20.33 9.93
N THR A 130 12.35 19.42 9.19
CA THR A 130 11.70 18.78 8.05
C THR A 130 12.09 17.30 8.01
N ASN A 131 11.15 16.45 7.63
CA ASN A 131 11.42 15.03 7.53
C ASN A 131 11.82 14.68 6.08
N THR A 132 11.90 13.40 5.75
CA THR A 132 12.25 12.95 4.40
C THR A 132 11.27 11.84 4.05
N ARG A 133 10.06 12.33 3.82
CA ARG A 133 8.81 11.68 3.47
C ARG A 133 8.11 12.90 4.07
N GLU A 134 8.59 14.01 3.51
CA GLU A 134 8.32 15.42 3.76
C GLU A 134 7.16 16.10 4.46
N ASN A 135 7.56 16.99 5.36
CA ASN A 135 6.70 17.84 6.16
C ASN A 135 7.56 18.80 6.98
N LYS A 136 7.53 20.07 6.61
CA LYS A 136 8.28 21.10 7.32
C LYS A 136 7.71 21.08 8.72
N SER A 137 8.39 21.66 9.70
CA SER A 137 7.84 21.53 11.03
C SER A 137 7.70 22.63 12.02
N ARG A 138 6.52 22.56 12.63
CA ARG A 138 6.05 23.41 13.70
C ARG A 138 7.16 24.37 14.15
N GLN A 139 7.35 25.49 13.44
CA GLN A 139 8.42 26.43 13.81
C GLN A 139 8.89 26.08 15.22
N ILE A 140 9.67 25.01 15.31
CA ILE A 140 10.16 24.53 16.59
C ILE A 140 11.06 25.56 17.25
N ARG A 141 10.53 26.15 18.31
CA ARG A 141 11.23 27.17 19.06
C ARG A 141 12.02 26.49 20.17
N GLN A 142 13.31 26.81 20.23
CA GLN A 142 14.21 26.26 21.22
C GLN A 142 14.50 27.35 22.24
N PHE A 143 14.26 27.04 23.51
CA PHE A 143 14.53 27.97 24.58
C PHE A 143 15.82 27.51 25.22
N HIS A 144 16.89 28.27 25.03
CA HIS A 144 18.15 27.92 25.63
C HIS A 144 18.29 28.81 26.86
N PHE A 145 18.33 28.21 28.04
CA PHE A 145 18.45 28.97 29.27
C PHE A 145 19.93 29.17 29.57
N HIS A 146 20.30 30.41 29.87
CA HIS A 146 21.68 30.76 30.16
C HIS A 146 21.76 31.38 31.53
N GLY A 147 20.60 31.47 32.18
CA GLY A 147 20.54 32.04 33.51
C GLY A 147 20.88 31.03 34.59
N TRP A 148 21.42 29.87 34.22
CA TRP A 148 21.79 28.86 35.21
C TRP A 148 23.31 28.71 35.35
N PRO A 149 23.83 28.92 36.58
CA PRO A 149 25.26 28.83 36.87
C PRO A 149 25.84 27.42 36.76
N GLU A 150 27.15 27.36 36.50
CA GLU A 150 27.89 26.12 36.38
C GLU A 150 28.12 25.54 37.77
N VAL A 151 27.99 26.39 38.78
CA VAL A 151 28.21 25.98 40.17
C VAL A 151 27.19 26.60 41.13
N GLY A 152 26.77 25.80 42.11
CA GLY A 152 25.80 26.27 43.09
C GLY A 152 24.38 26.12 42.56
N ILE A 153 23.62 27.21 42.61
CA ILE A 153 22.24 27.23 42.13
C ILE A 153 21.83 28.70 42.01
N PRO A 154 21.30 29.11 40.83
CA PRO A 154 20.84 30.46 40.49
C PRO A 154 20.54 31.47 41.61
N SER A 155 20.67 32.76 41.24
CA SER A 155 20.45 33.88 42.15
C SER A 155 18.97 34.11 42.49
N ASP A 156 18.35 35.02 41.74
CA ASP A 156 16.95 35.38 41.91
C ASP A 156 16.08 34.65 40.92
N GLY A 157 15.01 34.05 41.45
CA GLY A 157 14.06 33.26 40.68
C GLY A 157 13.53 33.71 39.33
N LYS A 158 13.95 34.87 38.82
CA LYS A 158 13.45 35.29 37.51
C LYS A 158 14.32 34.71 36.41
N GLY A 159 13.85 34.81 35.17
CA GLY A 159 14.59 34.25 34.05
C GLY A 159 13.98 32.88 33.88
N MET A 160 13.97 32.15 34.98
CA MET A 160 13.39 30.81 34.99
C MET A 160 11.88 30.98 34.88
N ILE A 161 11.36 32.10 35.38
CA ILE A 161 9.92 32.37 35.35
C ILE A 161 9.52 33.06 34.07
N ASN A 162 10.38 33.95 33.57
CA ASN A 162 10.08 34.62 32.34
C ASN A 162 10.32 33.63 31.20
N ILE A 163 10.99 32.53 31.51
CA ILE A 163 11.28 31.49 30.52
C ILE A 163 10.22 30.39 30.62
N ILE A 164 9.85 30.05 31.84
CA ILE A 164 8.83 29.03 32.03
C ILE A 164 7.59 29.68 31.44
N ALA A 165 7.50 31.00 31.58
CA ALA A 165 6.36 31.77 31.06
C ALA A 165 6.36 31.76 29.53
N ALA A 166 7.55 31.57 28.96
CA ALA A 166 7.71 31.54 27.51
C ALA A 166 7.28 30.18 26.94
N VAL A 167 7.72 29.11 27.59
CA VAL A 167 7.40 27.75 27.17
C VAL A 167 5.90 27.42 27.22
N GLN A 168 5.26 27.66 28.36
CA GLN A 168 3.85 27.37 28.51
C GLN A 168 2.97 28.12 27.54
N LYS A 169 3.46 29.25 27.03
CA LYS A 169 2.68 30.03 26.09
C LYS A 169 2.80 29.59 24.65
N GLN A 170 4.03 29.29 24.20
CA GLN A 170 4.22 28.84 22.83
C GLN A 170 3.55 27.51 22.65
N GLN A 171 3.44 26.79 23.74
CA GLN A 171 2.82 25.50 23.66
C GLN A 171 1.32 25.62 23.38
N GLN A 172 0.76 26.83 23.43
CA GLN A 172 -0.67 26.99 23.14
C GLN A 172 -0.87 26.63 21.68
N GLN A 173 -0.60 27.57 20.76
CA GLN A 173 -0.67 27.21 19.36
C GLN A 173 0.70 26.60 19.13
N SER A 174 0.66 25.30 18.91
CA SER A 174 1.79 24.44 18.65
C SER A 174 0.99 23.16 18.76
N GLY A 175 -0.16 23.28 19.44
CA GLY A 175 -1.07 22.16 19.60
C GLY A 175 -1.01 21.43 20.93
N ASN A 176 -0.56 22.10 21.98
CA ASN A 176 -0.47 21.49 23.29
C ASN A 176 0.31 20.17 23.23
N HIS A 177 1.49 20.20 22.61
CA HIS A 177 2.35 19.03 22.46
C HIS A 177 3.45 19.01 23.53
N PRO A 178 3.98 17.81 23.87
CA PRO A 178 5.04 17.65 24.87
C PRO A 178 6.21 18.64 24.73
N ILE A 179 6.78 19.03 25.87
CA ILE A 179 7.89 19.98 25.90
C ILE A 179 9.14 19.19 26.25
N THR A 180 10.14 19.25 25.37
CA THR A 180 11.37 18.53 25.66
C THR A 180 12.30 19.34 26.53
N VAL A 181 12.41 18.91 27.78
CA VAL A 181 13.28 19.56 28.75
C VAL A 181 14.47 18.62 28.89
N HIS A 182 15.67 19.20 28.94
CA HIS A 182 16.88 18.39 29.07
C HIS A 182 18.06 19.26 29.52
N CYS A 183 18.94 18.67 30.32
CA CYS A 183 20.13 19.37 30.78
C CYS A 183 21.36 18.59 30.27
N SER A 184 21.83 17.63 31.06
CA SER A 184 22.99 16.81 30.70
C SER A 184 22.66 15.36 31.04
N ALA A 185 21.92 15.18 32.11
CA ALA A 185 21.51 13.85 32.55
C ALA A 185 19.99 13.84 32.48
N GLY A 186 19.41 15.03 32.54
CA GLY A 186 17.97 15.18 32.48
C GLY A 186 17.25 14.75 33.74
N ALA A 187 17.75 15.20 34.88
CA ALA A 187 17.15 14.84 36.17
C ALA A 187 17.04 16.04 37.11
N GLY A 188 18.19 16.62 37.43
CA GLY A 188 18.23 17.75 38.34
C GLY A 188 17.69 19.05 37.77
N ARG A 189 18.33 19.58 36.73
CA ARG A 189 17.89 20.82 36.13
C ARG A 189 16.62 20.64 35.30
N THR A 190 16.49 19.46 34.71
CA THR A 190 15.32 19.13 33.90
C THR A 190 14.16 18.90 34.85
N GLY A 191 14.40 18.12 35.90
CA GLY A 191 13.36 17.82 36.87
C GLY A 191 12.87 19.03 37.62
N THR A 192 13.74 20.00 37.82
CA THR A 192 13.35 21.22 38.53
C THR A 192 12.38 22.00 37.68
N PHE A 193 12.77 22.28 36.44
CA PHE A 193 11.93 23.00 35.48
C PHE A 193 10.55 22.37 35.45
N CYS A 194 10.49 21.07 35.22
CA CYS A 194 9.24 20.35 35.16
C CYS A 194 8.45 20.59 36.42
N ALA A 195 9.13 20.46 37.55
CA ALA A 195 8.51 20.66 38.84
C ALA A 195 7.98 22.08 38.94
N LEU A 196 8.83 23.04 38.61
CA LEU A 196 8.43 24.44 38.66
C LEU A 196 7.26 24.69 37.69
N SER A 197 7.28 24.05 36.52
CA SER A 197 6.21 24.21 35.55
C SER A 197 4.88 23.79 36.16
N THR A 198 4.86 22.58 36.70
CA THR A 198 3.66 22.03 37.33
C THR A 198 3.17 22.90 38.48
N VAL A 199 3.93 22.94 39.56
CA VAL A 199 3.52 23.73 40.71
C VAL A 199 3.05 25.14 40.33
N LEU A 200 3.72 25.76 39.35
CA LEU A 200 3.34 27.10 38.89
C LEU A 200 1.99 27.14 38.18
N GLU A 201 1.55 26.00 37.65
CA GLU A 201 0.26 25.95 36.99
C GLU A 201 -0.89 25.66 37.97
N ARG A 202 -0.60 24.86 39.00
CA ARG A 202 -1.60 24.52 39.99
C ARG A 202 -1.90 25.75 40.81
N VAL A 203 -0.86 26.51 41.10
CA VAL A 203 -0.99 27.73 41.88
C VAL A 203 -1.95 28.71 41.21
N LYS A 204 -1.74 28.96 39.92
CA LYS A 204 -2.60 29.91 39.20
C LYS A 204 -3.85 29.27 38.63
N ALA A 205 -4.24 28.11 39.15
CA ALA A 205 -5.43 27.41 38.67
C ALA A 205 -6.15 26.65 39.79
N GLU A 206 -5.58 26.73 40.98
CA GLU A 206 -6.14 26.08 42.18
C GLU A 206 -5.59 26.75 43.43
N GLY A 207 -4.63 27.65 43.22
CA GLY A 207 -4.04 28.33 44.34
C GLY A 207 -3.25 27.43 45.28
N ILE A 208 -3.09 26.16 44.93
CA ILE A 208 -2.33 25.24 45.78
C ILE A 208 -0.93 25.01 45.20
N LEU A 209 0.01 24.65 46.07
CA LEU A 209 1.40 24.43 45.66
C LEU A 209 1.93 23.14 46.28
N ASP A 210 1.77 22.01 45.60
CA ASP A 210 2.25 20.75 46.17
C ASP A 210 3.70 20.48 45.77
N VAL A 211 4.58 21.41 46.09
CA VAL A 211 5.98 21.31 45.75
C VAL A 211 6.68 20.08 46.34
N PHE A 212 5.91 19.09 46.77
CA PHE A 212 6.52 17.90 47.34
C PHE A 212 5.86 16.65 46.78
N GLN A 213 4.55 16.56 46.90
CA GLN A 213 3.86 15.39 46.37
C GLN A 213 4.18 15.44 44.87
N THR A 214 4.47 16.65 44.40
CA THR A 214 4.81 16.90 43.00
C THR A 214 6.19 16.33 42.69
N VAL A 215 7.20 16.82 43.41
CA VAL A 215 8.56 16.33 43.22
C VAL A 215 8.53 14.83 43.44
N LYS A 216 7.58 14.40 44.25
CA LYS A 216 7.36 13.00 44.59
C LYS A 216 6.97 12.24 43.33
N SER A 217 6.02 12.79 42.57
CA SER A 217 5.53 12.19 41.32
C SER A 217 6.65 12.12 40.30
N LEU A 218 7.44 13.19 40.24
CA LEU A 218 8.56 13.28 39.32
C LEU A 218 9.56 12.14 39.49
N ARG A 219 9.87 11.79 40.73
CA ARG A 219 10.81 10.69 41.04
C ARG A 219 10.30 9.37 40.48
N LEU A 220 9.08 9.01 40.89
CA LEU A 220 8.47 7.76 40.44
C LEU A 220 8.47 7.63 38.92
N GLN A 221 8.80 8.71 38.22
CA GLN A 221 8.79 8.67 36.76
C GLN A 221 10.19 8.68 36.12
N ARG A 222 11.17 9.27 36.81
CA ARG A 222 12.55 9.33 36.30
C ARG A 222 13.58 9.55 37.41
N PRO A 223 14.58 8.66 37.51
CA PRO A 223 15.63 8.72 38.52
C PRO A 223 16.25 10.07 38.85
N HIS A 224 16.02 10.46 40.10
CA HIS A 224 16.52 11.68 40.70
C HIS A 224 16.02 13.03 40.20
N MET A 225 14.78 13.09 39.75
CA MET A 225 14.25 14.37 39.29
C MET A 225 14.37 15.33 40.48
N VAL A 226 15.24 16.33 40.35
CA VAL A 226 15.50 17.31 41.39
C VAL A 226 16.44 16.68 42.41
N GLN A 227 17.71 16.57 42.04
CA GLN A 227 18.72 15.95 42.89
C GLN A 227 19.23 16.81 44.04
N THR A 228 20.33 17.51 43.77
CA THR A 228 20.98 18.37 44.76
C THR A 228 19.90 19.10 45.54
N LEU A 229 19.73 18.71 46.80
CA LEU A 229 18.67 19.29 47.59
C LEU A 229 18.82 20.74 48.13
N GLU A 230 18.99 21.66 47.18
CA GLU A 230 19.10 23.11 47.36
C GLU A 230 18.42 23.51 46.07
N GLN A 231 18.94 22.96 44.97
CA GLN A 231 18.26 23.17 43.69
C GLN A 231 17.08 22.38 44.23
N TYR A 232 15.95 23.06 44.38
CA TYR A 232 14.77 22.47 44.97
C TYR A 232 14.32 23.60 45.86
N GLU A 233 15.10 23.86 46.91
CA GLU A 233 14.78 24.95 47.81
C GLU A 233 14.53 26.07 46.83
N PHE A 234 15.27 26.02 45.73
CA PHE A 234 15.17 26.98 44.64
C PHE A 234 13.78 26.87 44.02
N CYS A 235 13.21 25.66 44.00
CA CYS A 235 11.87 25.44 43.48
C CYS A 235 10.91 26.23 44.33
N TYR A 236 11.11 26.17 45.64
CA TYR A 236 10.30 26.90 46.60
C TYR A 236 10.66 28.38 46.53
N LYS A 237 11.94 28.67 46.34
CA LYS A 237 12.45 30.02 46.23
C LYS A 237 11.79 30.72 45.05
N VAL A 238 11.68 30.00 43.95
CA VAL A 238 11.07 30.50 42.72
C VAL A 238 9.54 30.45 42.84
N VAL A 239 9.07 29.58 43.73
CA VAL A 239 7.65 29.39 44.00
C VAL A 239 7.15 30.51 44.92
N GLN A 240 8.08 31.33 45.42
CA GLN A 240 7.71 32.44 46.28
C GLN A 240 7.68 33.71 45.44
N GLU A 241 8.73 33.90 44.66
CA GLU A 241 8.90 35.05 43.79
C GLU A 241 7.80 35.20 42.73
N TYR A 242 7.11 34.12 42.44
CA TYR A 242 6.05 34.15 41.45
C TYR A 242 4.78 34.67 42.09
N ILE A 243 4.59 34.36 43.37
CA ILE A 243 3.42 34.80 44.12
C ILE A 243 3.45 36.31 44.33
N ASP A 244 4.65 36.84 44.53
CA ASP A 244 4.83 38.27 44.75
C ASP A 244 4.91 38.98 43.41
N ALA A 245 4.03 38.56 42.50
CA ALA A 245 3.93 39.09 41.15
C ALA A 245 3.32 38.02 40.24
N MET B 1 -4.97 -33.64 -9.36
CA MET B 1 -4.17 -33.71 -10.63
C MET B 1 -3.96 -32.31 -11.20
N ARG B 2 -5.03 -31.53 -11.30
CA ARG B 2 -4.96 -30.17 -11.81
C ARG B 2 -5.82 -29.25 -10.97
N THR B 3 -5.69 -27.95 -11.22
CA THR B 3 -6.48 -26.96 -10.50
C THR B 3 -7.94 -27.15 -10.90
N GLY B 4 -8.15 -27.72 -12.08
CA GLY B 4 -9.49 -27.96 -12.57
C GLY B 4 -10.14 -29.15 -11.88
N ASN B 5 -9.32 -30.15 -11.57
CA ASN B 5 -9.79 -31.37 -10.89
C ASN B 5 -9.94 -31.13 -9.39
N LEU B 6 -9.46 -29.99 -8.93
CA LEU B 6 -9.57 -29.65 -7.52
C LEU B 6 -11.02 -29.52 -7.12
N PRO B 7 -11.44 -30.24 -6.07
CA PRO B 7 -12.86 -30.09 -5.69
C PRO B 7 -13.05 -28.61 -5.30
N ALA B 8 -14.15 -28.00 -5.78
CA ALA B 8 -14.51 -26.59 -5.56
C ALA B 8 -14.47 -25.92 -6.92
N ASN B 9 -13.50 -26.35 -7.74
CA ASN B 9 -13.34 -25.85 -9.12
C ASN B 9 -13.89 -26.98 -10.02
N MET B 10 -13.96 -28.16 -9.42
CA MET B 10 -14.45 -29.38 -10.03
C MET B 10 -15.84 -29.21 -10.63
N LYS B 11 -16.68 -28.40 -9.97
CA LYS B 11 -18.03 -28.15 -10.42
C LYS B 11 -18.04 -27.13 -11.56
N LYS B 12 -16.99 -26.32 -11.64
CA LYS B 12 -16.84 -25.30 -12.67
C LYS B 12 -16.43 -25.89 -14.03
N ASN B 13 -16.55 -27.21 -14.17
CA ASN B 13 -16.21 -27.91 -15.40
C ASN B 13 -17.47 -28.52 -15.98
N ARG B 14 -17.60 -28.44 -17.31
CA ARG B 14 -18.74 -29.03 -18.00
C ARG B 14 -18.37 -30.50 -18.31
N VAL B 15 -17.24 -30.68 -18.95
CA VAL B 15 -16.75 -32.01 -19.30
C VAL B 15 -15.58 -32.35 -18.38
N LEU B 16 -15.32 -33.63 -18.20
CA LEU B 16 -14.22 -34.06 -17.34
C LEU B 16 -12.91 -34.06 -18.10
N GLN B 17 -12.91 -34.73 -19.25
CA GLN B 17 -11.71 -34.82 -20.05
C GLN B 17 -11.21 -33.50 -20.61
N ILE B 18 -12.12 -32.55 -20.80
CA ILE B 18 -11.70 -31.25 -21.33
C ILE B 18 -11.53 -30.21 -20.23
N ILE B 19 -10.41 -30.31 -19.55
CA ILE B 19 -10.01 -29.42 -18.47
C ILE B 19 -8.67 -28.82 -18.93
N PRO B 20 -8.43 -27.53 -18.65
CA PRO B 20 -7.16 -26.90 -19.06
C PRO B 20 -5.90 -27.45 -18.39
N TYR B 21 -4.80 -27.45 -19.13
CA TYR B 21 -3.53 -27.91 -18.57
C TYR B 21 -3.03 -26.79 -17.66
N GLU B 22 -2.10 -27.12 -16.77
CA GLU B 22 -1.58 -26.11 -15.85
C GLU B 22 -0.59 -25.13 -16.48
N PHE B 23 0.18 -25.61 -17.45
CA PHE B 23 1.19 -24.80 -18.12
C PHE B 23 0.65 -23.68 -19.01
N ASN B 24 -0.68 -23.58 -19.16
CA ASN B 24 -1.27 -22.55 -20.00
C ASN B 24 -2.73 -22.22 -19.69
N ARG B 25 -3.09 -22.12 -18.40
CA ARG B 25 -4.48 -21.82 -18.05
C ARG B 25 -4.77 -20.34 -17.79
N VAL B 26 -5.93 -19.90 -18.27
CA VAL B 26 -6.34 -18.51 -18.11
C VAL B 26 -6.60 -18.21 -16.63
N ILE B 27 -5.67 -17.48 -16.02
CA ILE B 27 -5.77 -17.17 -14.60
C ILE B 27 -6.51 -15.86 -14.28
N ILE B 28 -7.60 -15.98 -13.53
CA ILE B 28 -8.36 -14.81 -13.14
C ILE B 28 -7.94 -14.43 -11.73
N PRO B 29 -8.06 -13.14 -11.38
CA PRO B 29 -7.67 -12.67 -10.05
C PRO B 29 -8.55 -13.27 -8.96
N VAL B 30 -7.92 -13.71 -7.88
CA VAL B 30 -8.67 -14.25 -6.76
C VAL B 30 -9.68 -13.16 -6.48
N LYS B 31 -10.98 -13.51 -6.51
CA LYS B 31 -12.03 -12.53 -6.27
C LYS B 31 -11.79 -11.81 -4.94
N ARG B 32 -11.75 -12.60 -3.88
CA ARG B 32 -11.47 -12.07 -2.56
C ARG B 32 -10.70 -13.13 -1.80
N GLY B 33 -10.02 -12.69 -0.76
CA GLY B 33 -9.24 -13.58 0.09
C GLY B 33 -8.48 -14.76 -0.48
N GLU B 34 -7.26 -14.91 0.05
CA GLU B 34 -6.33 -15.96 -0.29
C GLU B 34 -7.06 -17.31 -0.17
N GLU B 35 -6.80 -18.23 -1.11
CA GLU B 35 -7.51 -19.52 -1.14
C GLU B 35 -7.35 -20.17 -2.52
N ASN B 36 -8.50 -20.26 -3.21
CA ASN B 36 -8.64 -20.81 -4.56
C ASN B 36 -10.04 -20.54 -5.11
N THR B 37 -10.08 -19.68 -6.13
CA THR B 37 -11.27 -19.24 -6.87
C THR B 37 -10.68 -18.36 -7.97
N ASP B 38 -9.62 -18.87 -8.58
CA ASP B 38 -8.87 -18.19 -9.64
C ASP B 38 -8.95 -19.07 -10.87
N TYR B 39 -9.91 -19.99 -10.88
CA TYR B 39 -10.03 -20.94 -11.96
C TYR B 39 -11.20 -20.78 -12.92
N VAL B 40 -10.90 -20.94 -14.21
CA VAL B 40 -11.88 -20.89 -15.30
C VAL B 40 -11.43 -21.92 -16.36
N ASN B 41 -12.30 -22.86 -16.70
CA ASN B 41 -11.97 -23.88 -17.69
C ASN B 41 -11.76 -23.17 -19.03
N ALA B 42 -10.54 -22.66 -19.23
CA ALA B 42 -10.15 -21.96 -20.44
C ALA B 42 -8.64 -22.09 -20.59
N SER B 43 -8.16 -22.06 -21.84
CA SER B 43 -6.73 -22.21 -22.09
C SER B 43 -6.18 -21.13 -23.02
N PHE B 44 -4.94 -20.72 -22.79
CA PHE B 44 -4.27 -19.74 -23.65
C PHE B 44 -3.66 -20.53 -24.82
N ILE B 45 -4.10 -20.23 -26.04
CA ILE B 45 -3.63 -20.94 -27.23
C ILE B 45 -2.86 -19.98 -28.13
N ASP B 46 -1.84 -20.49 -28.81
CA ASP B 46 -1.06 -19.65 -29.70
C ASP B 46 -1.73 -19.50 -31.05
N GLY B 47 -1.59 -18.31 -31.64
CA GLY B 47 -2.17 -18.05 -32.94
C GLY B 47 -1.08 -18.15 -33.98
N TYR B 48 -1.22 -17.42 -35.08
CA TYR B 48 -0.23 -17.43 -36.14
C TYR B 48 0.88 -16.44 -35.77
N ARG B 49 2.08 -16.97 -35.51
CA ARG B 49 3.19 -16.13 -35.12
C ARG B 49 2.77 -15.18 -34.01
N GLN B 50 1.92 -15.65 -33.10
CA GLN B 50 1.46 -14.84 -31.97
C GLN B 50 1.10 -15.74 -30.81
N LYS B 51 1.76 -15.50 -29.69
CA LYS B 51 1.56 -16.29 -28.50
C LYS B 51 0.28 -15.93 -27.77
N ASP B 52 -0.49 -16.96 -27.44
CA ASP B 52 -1.73 -16.82 -26.70
C ASP B 52 -2.71 -15.85 -27.35
N SER B 53 -2.93 -16.06 -28.64
CA SER B 53 -3.84 -15.27 -29.46
C SER B 53 -5.29 -15.58 -29.11
N TYR B 54 -5.53 -16.77 -28.57
CA TYR B 54 -6.90 -17.15 -28.23
C TYR B 54 -7.06 -17.76 -26.84
N ILE B 55 -8.26 -17.58 -26.28
CA ILE B 55 -8.57 -18.19 -25.01
C ILE B 55 -9.62 -19.21 -25.39
N ALA B 56 -9.20 -20.47 -25.40
CA ALA B 56 -10.08 -21.59 -25.72
C ALA B 56 -10.86 -21.89 -24.45
N SER B 57 -12.09 -21.40 -24.37
CA SER B 57 -12.91 -21.60 -23.20
C SER B 57 -14.14 -22.47 -23.46
N GLN B 58 -14.70 -22.99 -22.38
CA GLN B 58 -15.91 -23.78 -22.50
C GLN B 58 -17.01 -22.72 -22.46
N GLY B 59 -18.20 -23.09 -22.91
CA GLY B 59 -19.32 -22.18 -22.88
C GLY B 59 -19.70 -22.09 -21.42
N PRO B 60 -19.78 -20.89 -20.85
CA PRO B 60 -20.13 -20.67 -19.43
C PRO B 60 -21.35 -21.37 -18.82
N LEU B 61 -21.16 -21.87 -17.59
CA LEU B 61 -22.24 -22.53 -16.85
C LEU B 61 -22.94 -21.43 -16.07
N LEU B 62 -24.20 -21.65 -15.72
CA LEU B 62 -24.91 -20.62 -14.98
C LEU B 62 -24.02 -19.99 -13.92
N HIS B 63 -23.51 -20.84 -13.03
CA HIS B 63 -22.67 -20.42 -11.90
C HIS B 63 -21.22 -20.08 -12.22
N THR B 64 -20.91 -19.82 -13.48
CA THR B 64 -19.55 -19.46 -13.84
C THR B 64 -19.58 -18.32 -14.84
N ILE B 65 -20.73 -17.67 -14.92
CA ILE B 65 -20.89 -16.57 -15.85
C ILE B 65 -20.08 -15.35 -15.41
N GLU B 66 -20.03 -15.08 -14.11
CA GLU B 66 -19.26 -13.94 -13.64
C GLU B 66 -17.78 -14.19 -13.91
N ASP B 67 -17.33 -15.41 -13.57
CA ASP B 67 -15.95 -15.83 -13.76
C ASP B 67 -15.49 -15.63 -15.20
N PHE B 68 -16.31 -16.10 -16.12
CA PHE B 68 -16.08 -15.99 -17.55
C PHE B 68 -15.83 -14.52 -17.90
N TRP B 69 -16.60 -13.66 -17.21
CA TRP B 69 -16.55 -12.22 -17.43
C TRP B 69 -15.39 -11.50 -16.76
N ARG B 70 -15.02 -11.99 -15.59
CA ARG B 70 -13.89 -11.42 -14.85
C ARG B 70 -12.64 -11.90 -15.59
N MET B 71 -12.78 -13.02 -16.29
CA MET B 71 -11.70 -13.57 -17.08
C MET B 71 -11.52 -12.68 -18.31
N ILE B 72 -12.62 -12.41 -19.00
CA ILE B 72 -12.59 -11.58 -20.19
C ILE B 72 -12.08 -10.17 -19.90
N TRP B 73 -12.51 -9.60 -18.78
CA TRP B 73 -12.10 -8.26 -18.41
C TRP B 73 -10.63 -8.25 -18.05
N GLU B 74 -10.21 -9.31 -17.39
CA GLU B 74 -8.83 -9.46 -16.96
C GLU B 74 -7.85 -9.44 -18.12
N TRP B 75 -8.12 -10.25 -19.14
CA TRP B 75 -7.23 -10.34 -20.26
C TRP B 75 -7.55 -9.43 -21.43
N LYS B 76 -8.13 -8.29 -21.17
CA LYS B 76 -8.45 -7.21 -22.10
C LYS B 76 -9.04 -7.77 -23.40
N SER B 77 -9.74 -8.87 -23.44
CA SER B 77 -10.36 -9.39 -24.66
C SER B 77 -11.51 -8.50 -25.15
N CYS B 78 -11.53 -8.27 -26.47
CA CYS B 78 -12.54 -7.41 -27.08
C CYS B 78 -13.41 -8.15 -28.11
N SER B 79 -13.04 -9.39 -28.43
CA SER B 79 -13.78 -10.23 -29.37
C SER B 79 -14.17 -11.50 -28.63
N ILE B 80 -15.38 -11.98 -28.92
CA ILE B 80 -15.91 -13.18 -28.30
C ILE B 80 -16.53 -13.98 -29.42
N VAL B 81 -16.13 -15.24 -29.58
CA VAL B 81 -16.65 -16.10 -30.63
C VAL B 81 -17.48 -17.26 -30.05
N MET B 82 -18.79 -17.22 -30.29
CA MET B 82 -19.70 -18.27 -29.81
C MET B 82 -19.94 -19.32 -30.89
N LEU B 83 -19.31 -20.47 -30.71
CA LEU B 83 -19.39 -21.56 -31.68
C LEU B 83 -20.45 -22.59 -31.32
N THR B 84 -21.46 -22.15 -30.56
CA THR B 84 -22.50 -23.04 -30.16
C THR B 84 -23.82 -22.32 -29.93
N GLU B 85 -24.86 -23.12 -29.78
CA GLU B 85 -26.20 -22.65 -29.52
C GLU B 85 -26.41 -22.91 -28.03
N LEU B 86 -27.18 -22.07 -27.36
CA LEU B 86 -27.44 -22.25 -25.93
C LEU B 86 -28.10 -23.60 -25.69
N GLU B 87 -28.97 -23.98 -26.61
CA GLU B 87 -29.68 -25.25 -26.53
C GLU B 87 -29.32 -26.12 -27.72
N GLU B 88 -29.06 -27.39 -27.48
CA GLU B 88 -28.70 -28.30 -28.56
C GLU B 88 -28.91 -29.79 -28.28
N ARG B 89 -29.40 -30.50 -29.28
CA ARG B 89 -29.69 -31.93 -29.20
C ARG B 89 -30.38 -32.35 -27.91
N GLY B 90 -31.10 -31.45 -27.28
CA GLY B 90 -31.83 -31.82 -26.07
C GLY B 90 -31.33 -31.39 -24.71
N GLN B 91 -30.21 -30.68 -24.64
CA GLN B 91 -29.67 -30.24 -23.34
C GLN B 91 -29.16 -28.81 -23.40
N GLU B 92 -28.73 -28.29 -22.26
CA GLU B 92 -28.20 -26.94 -22.27
C GLU B 92 -26.76 -27.04 -22.73
N LYS B 93 -26.39 -26.21 -23.70
CA LYS B 93 -25.04 -26.27 -24.23
C LYS B 93 -24.28 -24.96 -24.04
N CYS B 94 -24.78 -24.12 -23.14
CA CYS B 94 -24.19 -22.83 -22.78
C CYS B 94 -25.25 -21.98 -22.05
N ALA B 95 -24.82 -21.14 -21.12
CA ALA B 95 -25.75 -20.28 -20.38
C ALA B 95 -25.62 -18.86 -20.93
N GLN B 96 -26.74 -18.14 -21.02
CA GLN B 96 -26.72 -16.77 -21.55
C GLN B 96 -25.95 -15.81 -20.64
N TYR B 97 -24.91 -15.19 -21.20
CA TYR B 97 -24.04 -14.28 -20.46
C TYR B 97 -24.02 -12.87 -21.05
N TRP B 98 -25.01 -12.58 -21.88
CA TRP B 98 -25.12 -11.27 -22.51
C TRP B 98 -26.60 -10.86 -22.47
N PRO B 99 -26.88 -9.54 -22.51
CA PRO B 99 -28.26 -9.04 -22.48
C PRO B 99 -28.93 -9.18 -23.85
N SER B 100 -30.18 -9.63 -23.85
CA SER B 100 -30.92 -9.78 -25.11
C SER B 100 -31.54 -8.45 -25.55
N ASP B 101 -31.42 -7.41 -24.71
CA ASP B 101 -31.93 -6.08 -25.06
C ASP B 101 -31.34 -4.86 -24.33
N GLY B 102 -30.94 -4.99 -23.07
CA GLY B 102 -30.42 -3.81 -22.41
C GLY B 102 -29.30 -3.93 -21.42
N LEU B 103 -29.60 -4.48 -20.24
CA LEU B 103 -28.61 -4.61 -19.18
C LEU B 103 -28.83 -5.79 -18.24
N VAL B 104 -27.75 -6.52 -18.01
CA VAL B 104 -27.71 -7.66 -17.12
C VAL B 104 -26.34 -7.57 -16.52
N SER B 105 -26.22 -7.80 -15.21
CA SER B 105 -24.90 -7.73 -14.63
C SER B 105 -24.56 -8.85 -13.68
N TYR B 106 -23.27 -9.11 -13.62
CA TYR B 106 -22.73 -10.18 -12.82
C TYR B 106 -21.61 -9.63 -11.93
N GLY B 107 -21.93 -9.38 -10.68
CA GLY B 107 -20.93 -8.86 -9.77
C GLY B 107 -20.58 -7.44 -10.20
N ASP B 108 -19.29 -7.17 -10.33
CA ASP B 108 -18.82 -5.84 -10.70
C ASP B 108 -18.72 -5.55 -12.19
N ILE B 109 -19.10 -6.52 -13.03
CA ILE B 109 -19.06 -6.31 -14.47
C ILE B 109 -20.48 -6.13 -15.01
N THR B 110 -20.70 -5.03 -15.73
CA THR B 110 -22.00 -4.74 -16.31
C THR B 110 -21.89 -4.74 -17.83
N VAL B 111 -22.82 -5.45 -18.48
CA VAL B 111 -22.85 -5.57 -19.94
C VAL B 111 -24.15 -5.00 -20.52
N GLU B 112 -24.01 -4.13 -21.52
CA GLU B 112 -25.16 -3.53 -22.17
C GLU B 112 -25.17 -3.78 -23.66
N LEU B 113 -26.27 -4.32 -24.17
CA LEU B 113 -26.43 -4.60 -25.59
C LEU B 113 -26.60 -3.27 -26.33
N LYS B 114 -25.56 -2.84 -27.01
CA LYS B 114 -25.55 -1.59 -27.76
C LYS B 114 -26.04 -1.69 -29.22
N LYS B 115 -25.62 -2.73 -29.93
CA LYS B 115 -26.03 -2.95 -31.32
C LYS B 115 -26.15 -4.43 -31.63
N GLU B 116 -26.92 -4.74 -32.67
CA GLU B 116 -27.15 -6.11 -33.10
C GLU B 116 -27.39 -6.16 -34.62
N GLU B 117 -26.83 -7.18 -35.26
CA GLU B 117 -26.94 -7.37 -36.71
C GLU B 117 -26.93 -8.84 -37.09
N GLU B 118 -27.89 -9.21 -37.92
CA GLU B 118 -27.99 -10.59 -38.34
C GLU B 118 -27.31 -10.88 -39.66
N CYS B 119 -26.02 -11.20 -39.61
CA CYS B 119 -25.34 -11.56 -40.83
C CYS B 119 -25.95 -12.93 -41.16
N GLU B 120 -25.57 -13.53 -42.28
CA GLU B 120 -26.15 -14.80 -42.65
C GLU B 120 -25.87 -15.95 -41.73
N SER B 121 -24.59 -16.26 -41.53
CA SER B 121 -24.20 -17.36 -40.67
C SER B 121 -23.91 -16.99 -39.23
N TYR B 122 -23.98 -15.71 -38.89
CA TYR B 122 -23.71 -15.28 -37.53
C TYR B 122 -24.32 -13.95 -37.14
N THR B 123 -24.51 -13.76 -35.83
CA THR B 123 -25.05 -12.51 -35.28
C THR B 123 -23.92 -11.77 -34.59
N VAL B 124 -23.78 -10.49 -34.90
CA VAL B 124 -22.77 -9.64 -34.27
C VAL B 124 -23.46 -8.76 -33.23
N ARG B 125 -23.09 -8.93 -31.98
CA ARG B 125 -23.70 -8.14 -30.91
C ARG B 125 -22.66 -7.28 -30.24
N ASP B 126 -22.86 -5.97 -30.26
CA ASP B 126 -21.90 -5.09 -29.62
C ASP B 126 -22.39 -4.78 -28.23
N LEU B 127 -21.59 -5.18 -27.26
CA LEU B 127 -21.87 -5.00 -25.86
C LEU B 127 -20.86 -4.03 -25.30
N LEU B 128 -21.33 -3.12 -24.46
CA LEU B 128 -20.44 -2.17 -23.82
C LEU B 128 -20.32 -2.69 -22.39
N VAL B 129 -19.20 -3.34 -22.10
CA VAL B 129 -18.93 -3.92 -20.78
C VAL B 129 -18.19 -2.94 -19.89
N THR B 130 -18.69 -2.77 -18.67
CA THR B 130 -18.12 -1.85 -17.71
C THR B 130 -17.87 -2.58 -16.40
N ASN B 131 -16.97 -2.07 -15.56
CA ASN B 131 -16.74 -2.73 -14.28
C ASN B 131 -17.01 -1.90 -13.00
N THR B 132 -15.99 -1.53 -12.24
CA THR B 132 -16.22 -0.76 -11.01
C THR B 132 -16.08 0.74 -11.27
N GLU B 134 -17.02 3.96 -12.43
CA GLU B 134 -16.23 5.07 -12.96
C GLU B 134 -14.87 4.58 -13.34
N ASN B 135 -14.56 3.35 -12.92
CA ASN B 135 -13.30 2.74 -13.27
C ASN B 135 -13.65 2.17 -14.66
N LYS B 136 -13.79 3.14 -15.55
CA LYS B 136 -14.12 3.05 -16.97
C LYS B 136 -14.63 1.79 -17.65
N SER B 137 -14.82 1.91 -18.95
CA SER B 137 -15.36 0.85 -19.78
C SER B 137 -14.43 0.22 -20.80
N ARG B 138 -15.06 -0.49 -21.74
CA ARG B 138 -14.41 -1.21 -22.84
C ARG B 138 -15.48 -1.70 -23.82
N GLN B 139 -15.25 -1.58 -25.11
CA GLN B 139 -16.22 -2.07 -26.10
C GLN B 139 -15.80 -3.50 -26.48
N ILE B 140 -16.77 -4.41 -26.50
CA ILE B 140 -16.51 -5.81 -26.86
C ILE B 140 -17.50 -6.24 -27.95
N ARG B 141 -17.08 -7.15 -28.81
CA ARG B 141 -17.91 -7.59 -29.91
C ARG B 141 -18.08 -9.10 -29.94
N GLN B 142 -19.31 -9.56 -29.77
CA GLN B 142 -19.58 -10.98 -29.80
C GLN B 142 -20.05 -11.44 -31.16
N PHE B 143 -19.41 -12.48 -31.66
CA PHE B 143 -19.74 -13.07 -32.95
C PHE B 143 -20.41 -14.39 -32.64
N HIS B 144 -21.73 -14.43 -32.78
CA HIS B 144 -22.50 -15.64 -32.49
C HIS B 144 -22.78 -16.43 -33.76
N PHE B 145 -22.12 -17.56 -33.90
CA PHE B 145 -22.25 -18.42 -35.07
C PHE B 145 -23.47 -19.34 -34.93
N HIS B 146 -24.28 -19.37 -35.99
CA HIS B 146 -25.48 -20.21 -36.02
C HIS B 146 -25.25 -21.24 -37.12
N GLY B 147 -24.12 -21.08 -37.80
CA GLY B 147 -23.76 -21.94 -38.92
C GLY B 147 -23.35 -23.40 -38.69
N TRP B 148 -23.11 -23.77 -37.44
CA TRP B 148 -22.71 -25.15 -37.18
C TRP B 148 -23.93 -25.90 -36.69
N PRO B 149 -24.37 -26.90 -37.45
CA PRO B 149 -25.54 -27.69 -37.08
C PRO B 149 -25.13 -28.69 -36.01
N GLU B 150 -25.90 -28.87 -34.95
CA GLU B 150 -25.45 -29.87 -33.99
C GLU B 150 -25.88 -31.20 -34.53
N VAL B 151 -24.84 -31.88 -35.01
CA VAL B 151 -24.85 -33.17 -35.64
C VAL B 151 -24.39 -32.84 -37.06
N GLY B 152 -23.16 -33.27 -37.35
CA GLY B 152 -22.52 -33.03 -38.63
C GLY B 152 -21.61 -31.81 -38.49
N ILE B 153 -21.04 -31.38 -39.61
CA ILE B 153 -20.17 -30.22 -39.63
C ILE B 153 -20.85 -29.30 -40.66
N PRO B 154 -20.68 -27.97 -40.54
CA PRO B 154 -21.33 -27.13 -41.54
C PRO B 154 -20.91 -27.56 -42.96
N SER B 155 -21.89 -28.00 -43.75
CA SER B 155 -21.63 -28.50 -45.09
C SER B 155 -21.13 -27.46 -46.09
N ASP B 156 -20.52 -26.40 -45.57
CA ASP B 156 -19.98 -25.33 -46.41
C ASP B 156 -19.00 -24.50 -45.58
N GLY B 157 -17.93 -24.04 -46.21
CA GLY B 157 -16.96 -23.23 -45.48
C GLY B 157 -17.28 -21.76 -45.61
N LYS B 158 -18.19 -21.44 -46.53
CA LYS B 158 -18.60 -20.08 -46.81
C LYS B 158 -18.74 -19.17 -45.58
N GLY B 159 -19.51 -19.63 -44.60
CA GLY B 159 -19.72 -18.83 -43.40
C GLY B 159 -18.57 -18.82 -42.41
N MET B 160 -17.96 -19.97 -42.19
CA MET B 160 -16.84 -20.07 -41.27
C MET B 160 -15.77 -19.07 -41.70
N ILE B 161 -15.54 -19.01 -43.00
CA ILE B 161 -14.56 -18.11 -43.60
C ILE B 161 -14.87 -16.65 -43.34
N ASN B 162 -16.15 -16.33 -43.37
CA ASN B 162 -16.56 -14.95 -43.17
C ASN B 162 -16.58 -14.47 -41.74
N ILE B 163 -16.82 -15.36 -40.80
CA ILE B 163 -16.81 -14.94 -39.41
C ILE B 163 -15.34 -14.94 -38.93
N ILE B 164 -14.48 -15.70 -39.61
CA ILE B 164 -13.07 -15.71 -39.24
C ILE B 164 -12.49 -14.36 -39.64
N ALA B 165 -12.95 -13.86 -40.79
CA ALA B 165 -12.53 -12.58 -41.34
C ALA B 165 -13.08 -11.40 -40.54
N ALA B 166 -14.27 -11.57 -39.99
CA ALA B 166 -14.89 -10.52 -39.19
C ALA B 166 -14.15 -10.41 -37.85
N VAL B 167 -13.79 -11.56 -37.27
CA VAL B 167 -13.06 -11.56 -36.00
C VAL B 167 -11.65 -11.01 -36.17
N GLN B 168 -11.01 -11.42 -37.27
CA GLN B 168 -9.66 -11.00 -37.58
C GLN B 168 -9.63 -9.54 -38.03
N LYS B 169 -10.79 -8.90 -38.03
CA LYS B 169 -10.88 -7.51 -38.45
C LYS B 169 -11.11 -6.56 -37.29
N GLN B 170 -11.97 -6.95 -36.36
CA GLN B 170 -12.22 -6.10 -35.21
C GLN B 170 -10.95 -6.19 -34.37
N GLN B 171 -10.35 -7.38 -34.38
CA GLN B 171 -9.14 -7.63 -33.63
C GLN B 171 -8.04 -6.73 -34.17
N GLN B 172 -8.30 -6.13 -35.33
CA GLN B 172 -7.33 -5.20 -35.90
C GLN B 172 -7.34 -4.02 -34.95
N GLN B 173 -8.43 -3.26 -34.96
CA GLN B 173 -8.55 -2.11 -34.06
C GLN B 173 -9.25 -2.54 -32.78
N SER B 174 -8.45 -3.04 -31.86
CA SER B 174 -8.88 -3.48 -30.55
C SER B 174 -7.60 -3.33 -29.75
N GLY B 175 -6.49 -3.45 -30.48
CA GLY B 175 -5.17 -3.34 -29.88
C GLY B 175 -4.51 -4.70 -29.90
N ASN B 176 -4.97 -5.56 -30.80
CA ASN B 176 -4.45 -6.91 -30.91
C ASN B 176 -4.48 -7.63 -29.56
N HIS B 177 -5.69 -7.89 -29.08
CA HIS B 177 -5.92 -8.56 -27.81
C HIS B 177 -6.42 -9.98 -28.00
N PRO B 178 -6.32 -10.81 -26.96
CA PRO B 178 -6.78 -12.21 -27.01
C PRO B 178 -8.24 -12.32 -27.45
N ILE B 179 -8.50 -13.31 -28.31
CA ILE B 179 -9.85 -13.53 -28.81
C ILE B 179 -10.51 -14.65 -28.02
N THR B 180 -11.63 -14.36 -27.40
CA THR B 180 -12.32 -15.35 -26.60
C THR B 180 -13.19 -16.26 -27.45
N VAL B 181 -12.75 -17.50 -27.57
CA VAL B 181 -13.45 -18.49 -28.36
C VAL B 181 -14.03 -19.58 -27.47
N HIS B 182 -15.32 -19.85 -27.62
CA HIS B 182 -15.96 -20.88 -26.82
C HIS B 182 -17.09 -21.57 -27.60
N CYS B 183 -17.39 -22.80 -27.19
CA CYS B 183 -18.46 -23.56 -27.80
C CYS B 183 -19.27 -24.17 -26.67
N SER B 184 -19.01 -25.42 -26.33
CA SER B 184 -19.71 -26.07 -25.24
C SER B 184 -18.64 -26.46 -24.23
N ALA B 185 -17.80 -27.41 -24.60
CA ALA B 185 -16.73 -27.86 -23.74
C ALA B 185 -15.52 -26.96 -23.98
N GLY B 186 -15.39 -26.47 -25.21
CA GLY B 186 -14.30 -25.58 -25.56
C GLY B 186 -13.13 -26.22 -26.30
N ALA B 187 -13.41 -27.30 -27.05
CA ALA B 187 -12.34 -27.96 -27.78
C ALA B 187 -12.71 -28.17 -29.23
N GLY B 188 -13.66 -29.06 -29.47
CA GLY B 188 -14.07 -29.35 -30.83
C GLY B 188 -14.26 -28.17 -31.78
N ARG B 189 -15.42 -27.52 -31.69
CA ARG B 189 -15.75 -26.39 -32.55
C ARG B 189 -14.79 -25.24 -32.32
N THR B 190 -14.32 -25.13 -31.07
CA THR B 190 -13.39 -24.07 -30.70
C THR B 190 -12.03 -24.27 -31.36
N GLY B 191 -11.49 -25.49 -31.26
CA GLY B 191 -10.20 -25.83 -31.83
C GLY B 191 -10.15 -25.78 -33.34
N THR B 192 -11.31 -25.95 -33.95
CA THR B 192 -11.48 -25.92 -35.40
C THR B 192 -11.46 -24.47 -35.88
N PHE B 193 -11.90 -23.56 -35.01
CA PHE B 193 -11.91 -22.14 -35.32
C PHE B 193 -10.49 -21.56 -35.15
N CYS B 194 -9.81 -21.99 -34.09
CA CYS B 194 -8.43 -21.55 -33.79
C CYS B 194 -7.50 -22.11 -34.86
N ALA B 195 -7.67 -23.39 -35.17
CA ALA B 195 -6.84 -24.02 -36.19
C ALA B 195 -6.95 -23.33 -37.55
N LEU B 196 -8.17 -23.19 -38.07
CA LEU B 196 -8.42 -22.53 -39.36
C LEU B 196 -8.00 -21.06 -39.36
N SER B 197 -8.38 -20.36 -38.31
CA SER B 197 -8.08 -18.96 -38.11
C SER B 197 -6.60 -18.64 -38.32
N THR B 198 -5.73 -19.44 -37.70
CA THR B 198 -4.29 -19.23 -37.84
C THR B 198 -3.76 -19.78 -39.16
N VAL B 199 -4.43 -20.79 -39.69
CA VAL B 199 -4.04 -21.41 -40.97
C VAL B 199 -4.37 -20.43 -42.09
N LEU B 200 -5.48 -19.73 -41.95
CA LEU B 200 -5.89 -18.77 -42.97
C LEU B 200 -5.01 -17.53 -42.93
N GLU B 201 -4.35 -17.31 -41.80
CA GLU B 201 -3.43 -16.18 -41.67
C GLU B 201 -2.07 -16.58 -42.23
N ARG B 202 -1.68 -17.82 -41.97
CA ARG B 202 -0.40 -18.32 -42.46
C ARG B 202 -0.50 -18.32 -43.97
N VAL B 203 -1.52 -19.01 -44.48
CA VAL B 203 -1.74 -19.07 -45.91
C VAL B 203 -1.62 -17.68 -46.54
N LYS B 204 -2.19 -16.68 -45.89
CA LYS B 204 -2.14 -15.34 -46.44
C LYS B 204 -0.79 -14.64 -46.27
N ALA B 205 -0.17 -14.78 -45.10
CA ALA B 205 1.11 -14.12 -44.87
C ALA B 205 2.24 -14.80 -45.65
N GLU B 206 2.41 -16.10 -45.41
CA GLU B 206 3.45 -16.90 -46.07
C GLU B 206 2.91 -17.66 -47.29
N GLY B 207 1.73 -18.26 -47.14
CA GLY B 207 1.12 -19.02 -48.22
C GLY B 207 1.30 -20.50 -47.92
N ILE B 208 1.57 -20.78 -46.66
CA ILE B 208 1.81 -22.13 -46.17
C ILE B 208 0.71 -22.69 -45.29
N LEU B 209 0.03 -23.74 -45.74
CA LEU B 209 -1.03 -24.34 -44.94
C LEU B 209 -0.44 -25.46 -44.11
N ASP B 210 -0.36 -25.27 -42.80
CA ASP B 210 0.18 -26.31 -41.95
C ASP B 210 -0.90 -26.90 -41.07
N VAL B 211 -1.93 -27.45 -41.71
CA VAL B 211 -3.06 -28.03 -40.99
C VAL B 211 -2.64 -29.08 -39.98
N PHE B 212 -1.81 -30.03 -40.40
CA PHE B 212 -1.38 -31.05 -39.47
C PHE B 212 -0.71 -30.42 -38.27
N GLN B 213 0.43 -29.78 -38.52
CA GLN B 213 1.21 -29.15 -37.47
C GLN B 213 0.40 -28.14 -36.66
N THR B 214 -0.49 -27.39 -37.30
CA THR B 214 -1.32 -26.42 -36.56
C THR B 214 -2.19 -27.23 -35.58
N VAL B 215 -3.07 -28.07 -36.12
CA VAL B 215 -3.96 -28.88 -35.30
C VAL B 215 -3.18 -29.68 -34.26
N LYS B 216 -1.95 -30.04 -34.58
CA LYS B 216 -1.12 -30.78 -33.64
C LYS B 216 -0.76 -29.90 -32.46
N SER B 217 -0.37 -28.66 -32.75
CA SER B 217 0.01 -27.70 -31.73
C SER B 217 -1.21 -27.38 -30.86
N LEU B 218 -2.40 -27.60 -31.42
CA LEU B 218 -3.62 -27.35 -30.68
C LEU B 218 -3.82 -28.45 -29.65
N ARG B 219 -3.60 -29.68 -30.08
CA ARG B 219 -3.79 -30.80 -29.20
C ARG B 219 -2.84 -30.78 -27.98
N LEU B 220 -1.66 -30.19 -28.16
CA LEU B 220 -0.70 -30.12 -27.06
C LEU B 220 -0.92 -28.97 -26.09
N GLN B 221 -1.91 -28.13 -26.36
CA GLN B 221 -2.21 -26.99 -25.50
C GLN B 221 -3.54 -27.09 -24.76
N ARG B 222 -4.50 -27.81 -25.34
CA ARG B 222 -5.83 -28.01 -24.74
C ARG B 222 -6.33 -29.40 -25.10
N PRO B 223 -6.86 -30.14 -24.11
CA PRO B 223 -7.36 -31.49 -24.39
C PRO B 223 -8.51 -31.65 -25.40
N HIS B 224 -8.27 -32.44 -26.45
CA HIS B 224 -9.28 -32.72 -27.47
C HIS B 224 -9.52 -31.60 -28.47
N MET B 225 -8.55 -30.70 -28.63
CA MET B 225 -8.71 -29.58 -29.54
C MET B 225 -8.84 -30.02 -31.02
N VAL B 226 -10.07 -29.95 -31.52
CA VAL B 226 -10.45 -30.36 -32.87
C VAL B 226 -10.62 -31.86 -32.71
N GLN B 227 -11.76 -32.25 -32.15
CA GLN B 227 -12.05 -33.65 -31.86
C GLN B 227 -12.21 -34.66 -32.99
N THR B 228 -13.40 -34.74 -33.57
CA THR B 228 -13.67 -35.71 -34.64
C THR B 228 -12.91 -35.53 -35.95
N LEU B 229 -13.06 -36.52 -36.81
CA LEU B 229 -12.42 -36.54 -38.12
C LEU B 229 -13.19 -35.62 -39.05
N GLU B 230 -14.49 -35.56 -38.81
CA GLU B 230 -15.39 -34.72 -39.59
C GLU B 230 -14.89 -33.29 -39.57
N GLN B 231 -14.40 -32.86 -38.41
CA GLN B 231 -13.90 -31.51 -38.18
C GLN B 231 -12.53 -31.22 -38.76
N TYR B 232 -11.69 -32.25 -38.80
CA TYR B 232 -10.33 -32.13 -39.31
C TYR B 232 -10.39 -32.10 -40.83
N GLU B 233 -11.33 -32.87 -41.37
CA GLU B 233 -11.52 -32.92 -42.81
C GLU B 233 -12.20 -31.61 -43.18
N PHE B 234 -12.90 -31.04 -42.21
CA PHE B 234 -13.60 -29.77 -42.40
C PHE B 234 -12.61 -28.61 -42.48
N CYS B 235 -11.49 -28.72 -41.79
CA CYS B 235 -10.48 -27.67 -41.83
C CYS B 235 -9.81 -27.64 -43.20
N TYR B 236 -9.41 -28.80 -43.69
CA TYR B 236 -8.79 -28.86 -45.01
C TYR B 236 -9.82 -28.35 -46.01
N LYS B 237 -11.06 -28.79 -45.81
CA LYS B 237 -12.21 -28.43 -46.65
C LYS B 237 -12.34 -26.92 -46.77
N VAL B 238 -12.52 -26.25 -45.65
CA VAL B 238 -12.68 -24.81 -45.61
C VAL B 238 -11.47 -24.02 -46.09
N VAL B 239 -10.27 -24.56 -45.87
CA VAL B 239 -9.07 -23.84 -46.32
C VAL B 239 -9.01 -23.88 -47.85
N GLN B 240 -9.48 -24.97 -48.45
CA GLN B 240 -9.47 -25.11 -49.90
C GLN B 240 -10.45 -24.11 -50.49
N GLU B 241 -11.61 -23.97 -49.84
CA GLU B 241 -12.60 -23.02 -50.30
C GLU B 241 -11.98 -21.61 -50.21
N TYR B 242 -11.21 -21.39 -49.16
CA TYR B 242 -10.56 -20.09 -48.95
C TYR B 242 -9.62 -19.70 -50.10
N ILE B 243 -8.74 -20.62 -50.53
CA ILE B 243 -7.84 -20.27 -51.61
C ILE B 243 -8.61 -20.17 -52.92
N ASP B 244 -9.46 -21.15 -53.20
CA ASP B 244 -10.24 -21.13 -54.43
C ASP B 244 -11.04 -19.84 -54.49
N ALA B 245 -10.63 -18.96 -55.41
CA ALA B 245 -11.22 -17.65 -55.64
C ALA B 245 -9.99 -16.75 -55.75
N PHE B 246 -9.11 -16.90 -54.78
CA PHE B 246 -7.86 -16.18 -54.68
C PHE B 246 -6.88 -16.63 -55.76
N SER B 247 -5.71 -17.04 -55.27
CA SER B 247 -4.60 -17.53 -56.06
C SER B 247 -4.93 -18.88 -56.67
#